data_3SIE
#
_entry.id   3SIE
#
_cell.length_a   65.180
_cell.length_b   94.120
_cell.length_c   114.260
_cell.angle_alpha   90.000
_cell.angle_beta   90.000
_cell.angle_gamma   90.000
#
_symmetry.space_group_name_H-M   'P 21 21 21'
#
loop_
_entity.id
_entity.type
_entity.pdbx_description
1 polymer "cGMP-specific 3',5'-cyclic phosphodiesterase"
2 non-polymer 5-bromo-6-ethyl-2-{5-[(4-methylpiperazin-1-yl)sulfonyl]-2-propoxyphenyl}pyrimidin-4(3H)-one
3 water water
#
_entity_poly.entity_id   1
_entity_poly.type   'polypeptide(L)'
_entity_poly.pdbx_seq_one_letter_code
;MGSSHHHHHHSSGLVPRGSHMEETRELQSLAAAVVPSAQTLKITDFSFSDFELSDLETALCTIRMFTDLNLVQNFQMKHE
VLCRWILSVKKNYRKNVAYHNWRHAFNTAQCMFAALKAGKIQNKLTDLEILALLIAALSHDLDHRGVNNSYIQRSEHPLA
QLYCHSIMEHHHFDQCLMILNSPGNQILSGLSIEEYKTTLKIIKQAILATDLALYIKRRGEFFELIRKNQFNLEDPHQKE
LFLAMLMTACDLSAITKPWPIQQRIAELVATEFFDQGDRERKELNIEPTDLMNREKKNKIPSMQVGFIDAICLQLYEALT
HVSEDCFPLLDGCRKNRQKWQALAEQQ
;
_entity_poly.pdbx_strand_id   A,B
#
# COMPACT_ATOMS: atom_id res chain seq x y z
N ARG A 25 19.29 10.29 5.11
CA ARG A 25 17.88 10.32 4.70
C ARG A 25 17.76 10.34 3.19
N GLU A 26 16.88 9.49 2.67
CA GLU A 26 16.66 9.41 1.22
C GLU A 26 16.31 10.76 0.60
N LEU A 27 15.39 11.50 1.23
CA LEU A 27 14.90 12.76 0.67
C LEU A 27 15.99 13.82 0.57
N GLN A 28 16.72 14.02 1.65
CA GLN A 28 17.81 15.00 1.65
C GLN A 28 18.84 14.67 0.57
N SER A 29 19.24 13.42 0.48
CA SER A 29 20.22 12.98 -0.53
C SER A 29 19.71 13.22 -1.96
N LEU A 30 18.47 12.80 -2.23
CA LEU A 30 17.88 13.01 -3.55
C LEU A 30 17.79 14.50 -3.94
N ALA A 31 17.20 15.29 -3.05
CA ALA A 31 16.95 16.71 -3.33
C ALA A 31 18.25 17.46 -3.60
N ALA A 32 19.30 17.07 -2.89
CA ALA A 32 20.58 17.77 -3.01
C ALA A 32 21.41 17.33 -4.20
N ALA A 33 21.14 16.15 -4.74
CA ALA A 33 21.97 15.62 -5.82
C ALA A 33 21.88 16.45 -7.11
N VAL A 34 22.99 16.54 -7.84
CA VAL A 34 22.98 17.04 -9.21
C VAL A 34 22.26 16.01 -10.08
N VAL A 35 21.37 16.47 -10.95
CA VAL A 35 20.67 15.55 -11.88
C VAL A 35 21.45 15.48 -13.18
N PRO A 36 22.08 14.34 -13.47
CA PRO A 36 22.85 14.33 -14.73
C PRO A 36 21.95 14.43 -15.96
N SER A 37 22.56 14.72 -17.09
CA SER A 37 21.81 14.88 -18.34
C SER A 37 21.17 13.56 -18.77
N ALA A 38 20.16 13.67 -19.65
CA ALA A 38 19.50 12.50 -20.21
C ALA A 38 20.50 11.65 -21.00
N GLN A 39 21.41 12.33 -21.69
CA GLN A 39 22.46 11.65 -22.44
C GLN A 39 23.33 10.81 -21.51
N THR A 40 23.81 11.41 -20.43
CA THR A 40 24.61 10.69 -19.44
C THR A 40 23.86 9.48 -18.87
N LEU A 41 22.56 9.66 -18.58
CA LEU A 41 21.76 8.62 -17.94
C LEU A 41 21.24 7.53 -18.91
N LYS A 42 21.43 7.76 -20.21
CA LYS A 42 21.05 6.80 -21.24
C LYS A 42 19.54 6.53 -21.36
N ILE A 43 18.74 7.40 -20.77
CA ILE A 43 17.31 7.17 -20.74
C ILE A 43 16.61 7.36 -22.08
N THR A 44 17.32 7.90 -23.07
CA THR A 44 16.77 8.04 -24.42
C THR A 44 16.86 6.73 -25.23
N ASP A 45 17.55 5.74 -24.69
CA ASP A 45 17.81 4.48 -25.40
C ASP A 45 16.70 3.46 -25.20
N PHE A 46 16.15 2.93 -26.29
CA PHE A 46 15.19 1.84 -26.12
C PHE A 46 15.84 0.64 -25.41
N SER A 47 17.15 0.50 -25.57
CA SER A 47 17.85 -0.65 -25.00
C SER A 47 18.31 -0.47 -23.54
N PHE A 48 17.90 0.64 -22.93
CA PHE A 48 18.18 0.95 -21.53
C PHE A 48 17.96 -0.18 -20.53
N SER A 49 18.89 -0.31 -19.59
CA SER A 49 18.76 -1.30 -18.53
C SER A 49 18.94 -0.64 -17.18
N ASP A 50 18.15 -1.06 -16.18
CA ASP A 50 18.29 -0.50 -14.84
C ASP A 50 19.12 -1.38 -13.89
N PHE A 51 19.63 -2.51 -14.37
CA PHE A 51 20.22 -3.52 -13.48
C PHE A 51 21.34 -3.00 -12.59
N GLU A 52 22.14 -2.06 -13.09
CA GLU A 52 23.32 -1.61 -12.34
C GLU A 52 23.05 -0.32 -11.55
N LEU A 53 21.82 0.17 -11.59
CA LEU A 53 21.49 1.44 -10.95
C LEU A 53 21.00 1.26 -9.54
N SER A 54 21.38 2.19 -8.66
CA SER A 54 20.84 2.23 -7.32
C SER A 54 19.46 2.88 -7.34
N ASP A 55 18.72 2.73 -6.26
CA ASP A 55 17.43 3.41 -6.15
C ASP A 55 17.55 4.92 -6.38
N LEU A 56 18.60 5.51 -5.81
CA LEU A 56 18.84 6.95 -5.97
C LEU A 56 19.00 7.29 -7.44
N GLU A 57 19.77 6.47 -8.15
CA GLU A 57 19.97 6.71 -9.57
C GLU A 57 18.67 6.59 -10.36
N THR A 58 17.79 5.65 -9.98
CA THR A 58 16.51 5.59 -10.66
C THR A 58 15.67 6.83 -10.38
N ALA A 59 15.80 7.40 -9.18
CA ALA A 59 15.07 8.65 -8.85
C ALA A 59 15.58 9.81 -9.66
N LEU A 60 16.90 9.91 -9.81
CA LEU A 60 17.48 10.99 -10.61
C LEU A 60 17.08 10.88 -12.10
N CYS A 61 17.07 9.66 -12.62
CA CYS A 61 16.59 9.41 -13.98
C CYS A 61 15.15 9.91 -14.13
N THR A 62 14.34 9.62 -13.14
CA THR A 62 12.94 10.02 -13.15
C THR A 62 12.81 11.55 -13.12
N ILE A 63 13.59 12.23 -12.30
CA ILE A 63 13.62 13.68 -12.33
C ILE A 63 14.01 14.18 -13.72
N ARG A 64 15.04 13.58 -14.30
CA ARG A 64 15.46 13.97 -15.66
C ARG A 64 14.33 13.77 -16.68
N MET A 65 13.53 12.72 -16.51
CA MET A 65 12.41 12.51 -17.42
C MET A 65 11.42 13.68 -17.36
N PHE A 66 11.01 14.05 -16.16
CA PHE A 66 10.04 15.13 -16.01
C PHE A 66 10.67 16.43 -16.55
N THR A 67 11.95 16.62 -16.26
CA THR A 67 12.64 17.88 -16.61
C THR A 67 12.75 18.03 -18.14
N ASP A 68 13.19 16.98 -18.83
CA ASP A 68 13.44 17.08 -20.27
C ASP A 68 12.19 16.99 -21.14
N LEU A 69 11.08 16.63 -20.52
CA LEU A 69 9.78 16.67 -21.20
C LEU A 69 9.09 18.01 -20.95
N ASN A 70 9.82 18.95 -20.36
CA ASN A 70 9.30 20.30 -20.08
C ASN A 70 8.14 20.31 -19.10
N LEU A 71 8.10 19.36 -18.17
CA LEU A 71 6.98 19.30 -17.25
C LEU A 71 7.24 20.07 -15.97
N VAL A 72 8.50 20.18 -15.58
CA VAL A 72 8.83 20.81 -14.31
C VAL A 72 8.62 22.31 -14.38
N GLN A 73 9.28 22.97 -15.34
CA GLN A 73 9.10 24.39 -15.57
C GLN A 73 7.65 24.73 -15.91
N ASN A 74 7.13 24.05 -16.92
CA ASN A 74 5.82 24.36 -17.46
C ASN A 74 4.69 24.32 -16.43
N PHE A 75 4.81 23.43 -15.46
CA PHE A 75 3.75 23.27 -14.47
C PHE A 75 4.17 23.69 -13.05
N GLN A 76 5.27 24.42 -12.98
CA GLN A 76 5.74 25.02 -11.73
C GLN A 76 5.90 24.01 -10.60
N MET A 77 6.54 22.88 -10.91
CA MET A 77 6.78 21.86 -9.90
C MET A 77 7.95 22.26 -9.03
N LYS A 78 7.73 22.32 -7.72
CA LYS A 78 8.82 22.57 -6.78
C LYS A 78 9.73 21.35 -6.70
N HIS A 79 11.03 21.58 -6.77
CA HIS A 79 12.00 20.47 -6.78
C HIS A 79 11.78 19.50 -5.62
N GLU A 80 11.62 20.04 -4.42
CA GLU A 80 11.48 19.23 -3.22
C GLU A 80 10.22 18.38 -3.25
N VAL A 81 9.19 18.91 -3.90
CA VAL A 81 7.91 18.23 -4.00
C VAL A 81 8.02 17.10 -5.00
N LEU A 82 8.66 17.36 -6.13
CA LEU A 82 8.89 16.29 -7.11
C LEU A 82 9.73 15.18 -6.48
N CYS A 83 10.81 15.55 -5.78
CA CYS A 83 11.62 14.53 -5.13
C CYS A 83 10.81 13.68 -4.17
N ARG A 84 10.00 14.34 -3.34
CA ARG A 84 9.21 13.62 -2.34
C ARG A 84 8.17 12.70 -2.97
N TRP A 85 7.51 13.17 -4.03
CA TRP A 85 6.56 12.35 -4.76
C TRP A 85 7.19 11.09 -5.37
N ILE A 86 8.34 11.24 -6.00
CA ILE A 86 9.01 10.08 -6.55
C ILE A 86 9.31 9.08 -5.42
N LEU A 87 9.84 9.58 -4.30
CA LEU A 87 10.16 8.66 -3.21
C LEU A 87 8.90 8.00 -2.66
N SER A 88 7.80 8.75 -2.59
CA SER A 88 6.54 8.18 -2.09
C SER A 88 6.05 7.07 -3.02
N VAL A 89 6.09 7.30 -4.32
CA VAL A 89 5.68 6.29 -5.27
C VAL A 89 6.57 5.05 -5.12
N LYS A 90 7.87 5.25 -5.08
CA LYS A 90 8.81 4.15 -4.98
C LYS A 90 8.52 3.31 -3.74
N LYS A 91 8.29 3.98 -2.60
CA LYS A 91 8.13 3.24 -1.34
C LYS A 91 6.76 2.58 -1.24
N ASN A 92 5.83 2.98 -2.09
CA ASN A 92 4.53 2.32 -2.07
C ASN A 92 4.43 1.07 -2.94
N TYR A 93 5.53 0.72 -3.61
CA TYR A 93 5.63 -0.58 -4.26
C TYR A 93 6.07 -1.64 -3.24
N ARG A 94 5.39 -2.78 -3.24
CA ARG A 94 5.72 -3.87 -2.32
C ARG A 94 7.06 -4.47 -2.70
N LYS A 95 7.88 -4.78 -1.71
CA LYS A 95 9.22 -5.29 -1.97
C LYS A 95 9.22 -6.81 -2.21
N ASN A 96 8.17 -7.50 -1.79
CA ASN A 96 8.12 -8.94 -1.95
C ASN A 96 7.46 -9.39 -3.26
N VAL A 97 7.45 -8.50 -4.25
CA VAL A 97 6.91 -8.82 -5.57
C VAL A 97 8.07 -8.77 -6.56
N ALA A 98 8.31 -9.89 -7.24
CA ALA A 98 9.57 -10.10 -7.96
C ALA A 98 9.64 -9.29 -9.27
N TYR A 99 8.49 -9.08 -9.91
CA TYR A 99 8.46 -8.37 -11.19
C TYR A 99 7.68 -7.04 -11.16
N HIS A 100 6.44 -7.09 -10.67
CA HIS A 100 5.59 -5.90 -10.59
C HIS A 100 5.95 -5.05 -9.37
N ASN A 101 7.08 -4.36 -9.48
CA ASN A 101 7.63 -3.58 -8.38
C ASN A 101 8.10 -2.22 -8.91
N TRP A 102 8.81 -1.46 -8.08
CA TRP A 102 9.28 -0.14 -8.52
C TRP A 102 10.12 -0.22 -9.80
N ARG A 103 11.00 -1.21 -9.91
CA ARG A 103 11.85 -1.25 -11.11
C ARG A 103 11.05 -1.44 -12.41
N HIS A 104 10.01 -2.27 -12.37
CA HIS A 104 9.15 -2.38 -13.55
C HIS A 104 8.44 -1.05 -13.87
N ALA A 105 7.97 -0.37 -12.84
CA ALA A 105 7.29 0.90 -13.06
C ALA A 105 8.26 1.90 -13.65
N PHE A 106 9.47 1.93 -13.10
CA PHE A 106 10.49 2.84 -13.55
C PHE A 106 10.86 2.55 -15.01
N ASN A 107 10.99 1.27 -15.35
CA ASN A 107 11.27 0.88 -16.73
C ASN A 107 10.14 1.26 -17.69
N THR A 108 8.90 1.10 -17.23
CA THR A 108 7.75 1.53 -18.03
C THR A 108 7.86 3.02 -18.34
N ALA A 109 8.15 3.82 -17.31
CA ALA A 109 8.33 5.24 -17.48
C ALA A 109 9.51 5.57 -18.42
N GLN A 110 10.63 4.88 -18.26
CA GLN A 110 11.77 5.11 -19.14
C GLN A 110 11.42 4.80 -20.60
N CYS A 111 10.66 3.72 -20.81
CA CYS A 111 10.28 3.38 -22.19
C CYS A 111 9.35 4.45 -22.75
N MET A 112 8.48 4.99 -21.91
CA MET A 112 7.64 6.11 -22.33
C MET A 112 8.50 7.29 -22.79
N PHE A 113 9.49 7.63 -21.97
CA PHE A 113 10.39 8.72 -22.30
C PHE A 113 11.08 8.48 -23.63
N ALA A 114 11.61 7.28 -23.81
CA ALA A 114 12.32 6.94 -25.05
C ALA A 114 11.38 7.02 -26.25
N ALA A 115 10.16 6.52 -26.10
CA ALA A 115 9.17 6.59 -27.17
C ALA A 115 8.87 8.05 -27.53
N LEU A 116 8.71 8.89 -26.51
CA LEU A 116 8.42 10.30 -26.73
C LEU A 116 9.57 11.00 -27.43
N LYS A 117 10.79 10.72 -26.98
CA LYS A 117 11.98 11.39 -27.53
C LYS A 117 12.53 10.69 -28.79
N ALA A 118 13.24 9.59 -28.61
CA ALA A 118 13.76 8.82 -29.74
C ALA A 118 12.67 8.34 -30.71
N GLY A 119 11.51 7.95 -30.18
CA GLY A 119 10.43 7.45 -31.00
C GLY A 119 9.63 8.56 -31.66
N LYS A 120 9.96 9.80 -31.30
CA LYS A 120 9.36 11.02 -31.87
C LYS A 120 7.85 11.12 -31.67
N ILE A 121 7.35 10.57 -30.57
CA ILE A 121 5.92 10.65 -30.28
C ILE A 121 5.55 11.95 -29.57
N GLN A 122 6.53 12.61 -28.94
CA GLN A 122 6.28 13.83 -28.18
C GLN A 122 5.51 14.89 -28.97
N ASN A 123 5.91 15.13 -30.22
CA ASN A 123 5.25 16.14 -31.06
C ASN A 123 3.80 15.82 -31.38
N LYS A 124 3.39 14.56 -31.19
CA LYS A 124 2.02 14.12 -31.49
C LYS A 124 1.04 14.37 -30.33
N LEU A 125 1.58 14.71 -29.18
CA LEU A 125 0.77 14.77 -27.96
C LEU A 125 0.82 16.16 -27.33
N THR A 126 -0.14 16.44 -26.45
CA THR A 126 -0.12 17.66 -25.66
C THR A 126 0.69 17.47 -24.39
N ASP A 127 1.03 18.59 -23.76
CA ASP A 127 1.75 18.58 -22.49
C ASP A 127 0.99 17.84 -21.39
N LEU A 128 -0.31 18.11 -21.25
CA LEU A 128 -1.10 17.40 -20.24
C LEU A 128 -1.11 15.88 -20.48
N GLU A 129 -1.20 15.47 -21.75
CA GLU A 129 -1.18 14.05 -22.06
C GLU A 129 0.17 13.43 -21.65
N ILE A 130 1.26 14.10 -21.96
CA ILE A 130 2.60 13.65 -21.56
C ILE A 130 2.77 13.59 -20.04
N LEU A 131 2.36 14.64 -19.35
CA LEU A 131 2.33 14.64 -17.89
C LEU A 131 1.56 13.43 -17.35
N ALA A 132 0.37 13.18 -17.89
CA ALA A 132 -0.46 12.08 -17.41
C ALA A 132 0.18 10.71 -17.68
N LEU A 133 0.75 10.54 -18.87
CA LEU A 133 1.35 9.27 -19.28
C LEU A 133 2.53 8.92 -18.37
N LEU A 134 3.33 9.92 -18.05
CA LEU A 134 4.55 9.69 -17.28
C LEU A 134 4.13 9.29 -15.86
N ILE A 135 3.15 10.00 -15.32
CA ILE A 135 2.65 9.69 -13.98
C ILE A 135 1.99 8.31 -13.95
N ALA A 136 1.18 8.03 -14.97
CA ALA A 136 0.52 6.73 -15.07
C ALA A 136 1.55 5.59 -15.18
N ALA A 137 2.56 5.80 -16.00
CA ALA A 137 3.59 4.78 -16.17
C ALA A 137 4.24 4.49 -14.82
N LEU A 138 4.58 5.54 -14.10
CA LEU A 138 5.25 5.37 -12.80
C LEU A 138 4.35 4.74 -11.74
N SER A 139 3.04 4.96 -11.86
CA SER A 139 2.10 4.64 -10.78
C SER A 139 1.23 3.41 -11.07
N HIS A 140 1.30 2.86 -12.28
CA HIS A 140 0.26 1.93 -12.75
C HIS A 140 0.15 0.59 -12.05
N ASP A 141 1.23 0.15 -11.41
CA ASP A 141 1.20 -1.14 -10.73
C ASP A 141 1.16 -1.00 -9.21
N LEU A 142 0.83 0.19 -8.70
CA LEU A 142 0.77 0.40 -7.27
C LEU A 142 -0.17 -0.55 -6.52
N ASP A 143 -1.31 -0.90 -7.12
CA ASP A 143 -2.28 -1.74 -6.40
C ASP A 143 -2.08 -3.23 -6.67
N HIS A 144 -0.89 -3.59 -7.13
CA HIS A 144 -0.55 -4.98 -7.35
C HIS A 144 -0.42 -5.74 -6.02
N ILE A 167 -0.65 -12.13 -17.97
CA ILE A 167 -1.23 -11.75 -16.68
C ILE A 167 -2.42 -10.79 -16.86
N MET A 168 -3.62 -11.28 -16.57
CA MET A 168 -4.83 -10.48 -16.78
C MET A 168 -5.27 -9.72 -15.53
N GLU A 169 -4.32 -9.38 -14.67
CA GLU A 169 -4.59 -8.64 -13.44
C GLU A 169 -5.22 -7.25 -13.68
N HIS A 170 -6.10 -6.83 -12.78
CA HIS A 170 -6.70 -5.51 -12.85
C HIS A 170 -5.77 -4.49 -12.18
N HIS A 171 -5.65 -3.32 -12.81
CA HIS A 171 -4.85 -2.23 -12.26
C HIS A 171 -5.80 -1.19 -11.65
N HIS A 172 -5.34 -0.47 -10.64
CA HIS A 172 -6.17 0.55 -10.00
CA HIS A 172 -6.18 0.58 -10.08
C HIS A 172 -5.40 1.86 -9.83
N PHE A 173 -6.11 2.98 -9.86
CA PHE A 173 -5.49 4.30 -9.74
C PHE A 173 -5.71 4.96 -8.38
N ASP A 174 -6.41 4.28 -7.48
CA ASP A 174 -6.71 4.86 -6.17
C ASP A 174 -5.46 5.26 -5.42
N GLN A 175 -4.49 4.35 -5.37
CA GLN A 175 -3.24 4.63 -4.68
C GLN A 175 -2.49 5.78 -5.34
N CYS A 176 -2.43 5.78 -6.67
CA CYS A 176 -1.81 6.88 -7.41
C CYS A 176 -2.38 8.23 -6.97
N LEU A 177 -3.70 8.33 -6.99
CA LEU A 177 -4.36 9.58 -6.63
C LEU A 177 -4.09 9.96 -5.17
N MET A 178 -4.12 9.00 -4.26
CA MET A 178 -3.87 9.30 -2.86
C MET A 178 -2.50 9.94 -2.67
N ILE A 179 -1.48 9.37 -3.31
CA ILE A 179 -0.14 9.93 -3.25
C ILE A 179 -0.07 11.34 -3.84
N LEU A 180 -0.68 11.53 -5.01
CA LEU A 180 -0.69 12.85 -5.66
C LEU A 180 -1.35 13.92 -4.79
N ASN A 181 -2.26 13.51 -3.93
CA ASN A 181 -2.98 14.44 -3.07
C ASN A 181 -2.40 14.57 -1.68
N SER A 182 -1.37 13.77 -1.41
CA SER A 182 -0.68 13.77 -0.13
C SER A 182 0.09 15.07 0.16
N PRO A 183 0.04 15.52 1.43
CA PRO A 183 0.82 16.73 1.77
C PRO A 183 2.29 16.56 1.38
N GLY A 184 2.86 17.59 0.76
CA GLY A 184 4.24 17.58 0.35
C GLY A 184 4.51 16.80 -0.93
N ASN A 185 3.50 16.11 -1.47
CA ASN A 185 3.67 15.29 -2.69
C ASN A 185 2.88 15.82 -3.88
N GLN A 186 2.35 17.04 -3.78
CA GLN A 186 1.35 17.50 -4.74
C GLN A 186 1.96 18.11 -6.01
N ILE A 187 2.53 17.23 -6.84
CA ILE A 187 3.20 17.68 -8.06
C ILE A 187 2.28 18.34 -9.09
N LEU A 188 0.97 18.21 -8.91
CA LEU A 188 0.01 18.84 -9.83
C LEU A 188 -0.58 20.14 -9.27
N SER A 189 -0.07 20.59 -8.13
CA SER A 189 -0.67 21.77 -7.48
C SER A 189 -0.61 23.00 -8.38
N GLY A 190 0.39 23.05 -9.24
CA GLY A 190 0.57 24.17 -10.14
C GLY A 190 -0.35 24.20 -11.34
N LEU A 191 -1.18 23.17 -11.49
CA LEU A 191 -2.13 23.12 -12.60
C LEU A 191 -3.39 23.93 -12.30
N SER A 192 -3.92 24.61 -13.30
CA SER A 192 -5.23 25.24 -13.17
C SER A 192 -6.30 24.15 -12.97
N ILE A 193 -7.45 24.53 -12.44
CA ILE A 193 -8.55 23.60 -12.24
C ILE A 193 -8.86 22.82 -13.51
N GLU A 194 -8.94 23.52 -14.63
CA GLU A 194 -9.30 22.86 -15.88
C GLU A 194 -8.20 21.87 -16.28
N GLU A 195 -6.94 22.28 -16.19
CA GLU A 195 -5.82 21.39 -16.52
C GLU A 195 -5.81 20.17 -15.60
N TYR A 196 -6.10 20.40 -14.32
CA TYR A 196 -6.11 19.33 -13.33
C TYR A 196 -7.16 18.26 -13.66
N LYS A 197 -8.38 18.71 -13.98
CA LYS A 197 -9.46 17.81 -14.35
C LYS A 197 -9.10 16.99 -15.60
N THR A 198 -8.57 17.67 -16.62
CA THR A 198 -8.11 16.97 -17.82
C THR A 198 -7.05 15.91 -17.50
N THR A 199 -6.06 16.28 -16.70
CA THR A 199 -4.94 15.39 -16.39
C THR A 199 -5.39 14.15 -15.61
N LEU A 200 -6.22 14.32 -14.58
CA LEU A 200 -6.65 13.18 -13.79
C LEU A 200 -7.41 12.18 -14.65
N LYS A 201 -8.26 12.67 -15.54
CA LYS A 201 -9.02 11.78 -16.40
C LYS A 201 -8.08 10.92 -17.25
N ILE A 202 -7.07 11.57 -17.81
CA ILE A 202 -6.09 10.85 -18.64
C ILE A 202 -5.29 9.85 -17.81
N ILE A 203 -4.90 10.25 -16.60
CA ILE A 203 -4.17 9.34 -15.71
C ILE A 203 -4.98 8.07 -15.45
N LYS A 204 -6.25 8.24 -15.10
CA LYS A 204 -7.10 7.09 -14.80
C LYS A 204 -7.21 6.15 -16.00
N GLN A 205 -7.46 6.72 -17.17
CA GLN A 205 -7.60 5.92 -18.38
C GLN A 205 -6.30 5.21 -18.71
N ALA A 206 -5.18 5.90 -18.52
CA ALA A 206 -3.88 5.33 -18.86
C ALA A 206 -3.57 4.15 -17.94
N ILE A 207 -3.85 4.29 -16.65
CA ILE A 207 -3.62 3.18 -15.71
C ILE A 207 -4.52 2.01 -16.02
N LEU A 208 -5.81 2.28 -16.22
CA LEU A 208 -6.73 1.22 -16.60
C LEU A 208 -6.30 0.52 -17.88
N ALA A 209 -5.77 1.29 -18.84
CA ALA A 209 -5.32 0.72 -20.12
C ALA A 209 -4.31 -0.41 -19.92
N THR A 210 -3.63 -0.46 -18.78
CA THR A 210 -2.59 -1.48 -18.62
C THR A 210 -3.15 -2.85 -18.27
N ASP A 211 -4.46 -2.92 -18.09
N ASP A 211 -4.46 -2.95 -18.07
CA ASP A 211 -5.16 -4.19 -18.00
CA ASP A 211 -5.11 -4.26 -17.94
C ASP A 211 -5.05 -4.85 -19.38
C ASP A 211 -5.11 -4.89 -19.32
N LEU A 212 -4.41 -6.01 -19.46
CA LEU A 212 -4.28 -6.66 -20.76
C LEU A 212 -5.63 -7.04 -21.37
N ALA A 213 -6.62 -7.28 -20.52
CA ALA A 213 -7.98 -7.56 -20.99
C ALA A 213 -8.53 -6.41 -21.84
N LEU A 214 -8.24 -5.16 -21.42
CA LEU A 214 -8.67 -3.97 -22.17
C LEU A 214 -7.87 -3.78 -23.47
N TYR A 215 -6.58 -4.12 -23.43
CA TYR A 215 -5.76 -4.10 -24.62
C TYR A 215 -6.29 -5.06 -25.68
N ILE A 216 -6.58 -6.29 -25.26
CA ILE A 216 -7.10 -7.31 -26.17
C ILE A 216 -8.44 -6.87 -26.77
N LYS A 217 -9.26 -6.25 -25.94
CA LYS A 217 -10.60 -5.85 -26.37
C LYS A 217 -10.53 -4.71 -27.40
N ARG A 218 -9.55 -3.83 -27.25
CA ARG A 218 -9.51 -2.60 -28.05
C ARG A 218 -8.50 -2.60 -29.19
N ARG A 219 -7.63 -3.60 -29.24
CA ARG A 219 -6.52 -3.56 -30.21
C ARG A 219 -6.94 -3.78 -31.68
N GLY A 220 -7.98 -4.58 -31.88
CA GLY A 220 -8.43 -4.89 -33.24
C GLY A 220 -8.80 -3.63 -33.99
N GLU A 221 -9.53 -2.75 -33.32
CA GLU A 221 -9.93 -1.46 -33.87
C GLU A 221 -8.70 -0.61 -34.23
N PHE A 222 -7.73 -0.58 -33.32
CA PHE A 222 -6.45 0.10 -33.57
C PHE A 222 -5.74 -0.45 -34.82
N PHE A 223 -5.57 -1.77 -34.88
CA PHE A 223 -4.83 -2.40 -35.96
C PHE A 223 -5.51 -2.15 -37.30
N GLU A 224 -6.84 -2.15 -37.30
CA GLU A 224 -7.60 -1.99 -38.52
C GLU A 224 -7.58 -0.54 -39.01
N LEU A 225 -7.72 0.42 -38.10
CA LEU A 225 -7.58 1.84 -38.46
C LEU A 225 -6.26 2.05 -39.18
N ILE A 226 -5.19 1.45 -38.66
CA ILE A 226 -3.85 1.57 -39.22
C ILE A 226 -3.77 0.92 -40.59
N ARG A 227 -4.23 -0.32 -40.68
CA ARG A 227 -4.19 -1.08 -41.93
C ARG A 227 -4.95 -0.35 -43.05
N LYS A 228 -6.10 0.23 -42.71
CA LYS A 228 -6.96 0.89 -43.70
C LYS A 228 -6.61 2.36 -43.85
N ASN A 229 -5.38 2.70 -43.49
CA ASN A 229 -4.90 4.08 -43.50
C ASN A 229 -5.94 5.11 -43.05
N GLN A 230 -6.62 4.82 -41.94
CA GLN A 230 -7.65 5.70 -41.42
C GLN A 230 -7.25 6.31 -40.09
N PHE A 231 -6.06 5.97 -39.62
CA PHE A 231 -5.58 6.42 -38.32
C PHE A 231 -5.41 7.94 -38.31
N ASN A 232 -6.08 8.61 -37.36
CA ASN A 232 -6.12 10.06 -37.28
C ASN A 232 -6.10 10.55 -35.83
N LEU A 233 -4.95 11.04 -35.38
CA LEU A 233 -4.80 11.48 -33.99
C LEU A 233 -5.62 12.70 -33.61
N GLU A 234 -6.09 13.44 -34.62
CA GLU A 234 -6.93 14.61 -34.34
C GLU A 234 -8.30 14.19 -33.81
N ASP A 235 -8.63 12.90 -34.00
CA ASP A 235 -9.90 12.34 -33.55
C ASP A 235 -9.82 11.91 -32.08
N PRO A 236 -10.50 12.63 -31.19
CA PRO A 236 -10.45 12.40 -29.74
C PRO A 236 -10.59 10.92 -29.36
N HIS A 237 -11.45 10.18 -30.04
CA HIS A 237 -11.59 8.77 -29.75
C HIS A 237 -10.30 8.04 -30.05
N GLN A 238 -9.76 8.28 -31.24
CA GLN A 238 -8.54 7.66 -31.66
C GLN A 238 -7.32 8.10 -30.81
N LYS A 239 -7.30 9.36 -30.41
CA LYS A 239 -6.27 9.84 -29.48
C LYS A 239 -6.28 8.99 -28.21
N GLU A 240 -7.46 8.83 -27.62
CA GLU A 240 -7.61 8.07 -26.39
C GLU A 240 -7.15 6.64 -26.61
N LEU A 241 -7.61 6.03 -27.71
CA LEU A 241 -7.18 4.69 -28.09
C LEU A 241 -5.66 4.59 -28.23
N PHE A 242 -5.05 5.58 -28.86
CA PHE A 242 -3.61 5.53 -29.08
C PHE A 242 -2.84 5.59 -27.77
N LEU A 243 -3.27 6.48 -26.88
CA LEU A 243 -2.69 6.60 -25.54
C LEU A 243 -2.74 5.29 -24.75
N ALA A 244 -3.86 4.57 -24.83
CA ALA A 244 -3.97 3.25 -24.20
C ALA A 244 -2.97 2.24 -24.80
N MET A 245 -2.85 2.25 -26.13
CA MET A 245 -1.95 1.31 -26.80
C MET A 245 -0.50 1.64 -26.47
N LEU A 246 -0.19 2.92 -26.37
CA LEU A 246 1.17 3.36 -25.98
C LEU A 246 1.48 2.91 -24.54
N MET A 247 0.51 3.06 -23.63
CA MET A 247 0.71 2.54 -22.28
C MET A 247 1.04 1.04 -22.29
N THR A 248 0.28 0.26 -23.06
CA THR A 248 0.56 -1.18 -23.14
C THR A 248 1.96 -1.46 -23.71
N ALA A 249 2.32 -0.76 -24.78
CA ALA A 249 3.62 -0.91 -25.41
C ALA A 249 4.77 -0.68 -24.41
N CYS A 250 4.62 0.35 -23.59
CA CYS A 250 5.63 0.67 -22.57
C CYS A 250 5.65 -0.37 -21.45
N ASP A 251 4.46 -0.79 -21.00
CA ASP A 251 4.35 -1.79 -19.94
C ASP A 251 4.96 -3.15 -20.32
N LEU A 252 4.84 -3.52 -21.59
CA LEU A 252 5.34 -4.82 -22.04
C LEU A 252 6.76 -4.76 -22.61
N SER A 253 7.39 -3.59 -22.50
CA SER A 253 8.65 -3.32 -23.20
C SER A 253 9.86 -4.19 -22.79
N ALA A 254 9.80 -4.86 -21.64
CA ALA A 254 10.88 -5.81 -21.29
C ALA A 254 11.07 -6.83 -22.43
N ILE A 255 9.98 -7.12 -23.13
CA ILE A 255 10.01 -8.14 -24.17
C ILE A 255 10.84 -7.72 -25.39
N THR A 256 11.22 -6.44 -25.43
CA THR A 256 11.95 -5.88 -26.58
C THR A 256 13.44 -5.70 -26.30
N LYS A 257 13.85 -5.91 -25.06
CA LYS A 257 15.21 -5.59 -24.64
C LYS A 257 16.24 -6.53 -25.24
N PRO A 258 17.51 -6.11 -25.24
CA PRO A 258 18.61 -7.00 -25.64
C PRO A 258 18.51 -8.29 -24.86
N TRP A 259 18.87 -9.39 -25.52
CA TRP A 259 18.67 -10.73 -24.99
C TRP A 259 19.09 -10.96 -23.52
N PRO A 260 20.32 -10.57 -23.15
CA PRO A 260 20.73 -10.75 -21.74
C PRO A 260 19.78 -10.06 -20.74
N ILE A 261 19.26 -8.92 -21.14
CA ILE A 261 18.31 -8.18 -20.30
C ILE A 261 16.94 -8.88 -20.27
N GLN A 262 16.43 -9.26 -21.44
CA GLN A 262 15.16 -9.99 -21.49
C GLN A 262 15.23 -11.32 -20.74
N GLN A 263 16.33 -12.03 -20.85
CA GLN A 263 16.51 -13.30 -20.15
C GLN A 263 16.36 -13.11 -18.63
N ARG A 264 16.97 -12.05 -18.10
CA ARG A 264 16.94 -11.79 -16.67
C ARG A 264 15.54 -11.34 -16.21
N ILE A 265 14.92 -10.46 -16.97
CA ILE A 265 13.59 -10.03 -16.61
C ILE A 265 12.61 -11.22 -16.66
N ALA A 266 12.80 -12.11 -17.63
CA ALA A 266 11.97 -13.32 -17.70
C ALA A 266 12.12 -14.20 -16.45
N GLU A 267 13.31 -14.23 -15.85
CA GLU A 267 13.48 -14.94 -14.59
C GLU A 267 12.61 -14.32 -13.48
N LEU A 268 12.53 -12.99 -13.46
CA LEU A 268 11.73 -12.30 -12.44
C LEU A 268 10.25 -12.58 -12.65
N VAL A 269 9.82 -12.56 -13.90
CA VAL A 269 8.43 -12.82 -14.24
C VAL A 269 8.05 -14.23 -13.78
N ALA A 270 8.89 -15.20 -14.11
CA ALA A 270 8.66 -16.59 -13.68
C ALA A 270 8.63 -16.71 -12.15
N THR A 271 9.53 -16.01 -11.48
CA THR A 271 9.56 -16.02 -10.02
C THR A 271 8.25 -15.52 -9.42
N GLU A 272 7.72 -14.43 -9.96
CA GLU A 272 6.44 -13.91 -9.51
C GLU A 272 5.29 -14.89 -9.78
N PHE A 273 5.27 -15.47 -10.98
CA PHE A 273 4.21 -16.43 -11.34
C PHE A 273 4.19 -17.61 -10.36
N PHE A 274 5.36 -18.17 -10.09
CA PHE A 274 5.50 -19.31 -9.19
C PHE A 274 5.11 -18.98 -7.74
N ASP A 275 5.48 -17.78 -7.29
CA ASP A 275 5.08 -17.32 -5.96
C ASP A 275 3.56 -17.26 -5.85
N GLN A 276 2.91 -16.74 -6.88
CA GLN A 276 1.44 -16.64 -6.90
C GLN A 276 0.79 -18.02 -6.92
N GLY A 277 1.47 -18.98 -7.56
CA GLY A 277 1.01 -20.36 -7.56
C GLY A 277 1.02 -20.92 -6.15
N ASP A 278 2.14 -20.69 -5.45
CA ASP A 278 2.29 -21.15 -4.07
C ASP A 278 1.27 -20.50 -3.14
N ARG A 279 0.97 -19.22 -3.35
CA ARG A 279 -0.02 -18.53 -2.54
C ARG A 279 -1.43 -19.07 -2.81
N GLU A 280 -1.73 -19.38 -4.07
CA GLU A 280 -3.03 -19.94 -4.43
C GLU A 280 -3.26 -21.32 -3.82
N ARG A 281 -2.17 -22.07 -3.62
CA ARG A 281 -2.27 -23.38 -2.98
C ARG A 281 -2.68 -23.22 -1.50
N LYS A 282 -1.92 -22.41 -0.76
CA LYS A 282 -2.21 -22.21 0.66
C LYS A 282 -3.57 -21.51 0.88
N GLU A 283 -3.93 -20.61 -0.03
CA GLU A 283 -5.20 -19.90 0.06
C GLU A 283 -6.36 -20.76 -0.42
N PRO A 288 -2.93 -25.17 -9.08
CA PRO A 288 -2.02 -24.24 -9.78
C PRO A 288 -1.70 -24.70 -11.20
N THR A 289 -2.04 -23.87 -12.19
CA THR A 289 -1.72 -24.16 -13.58
C THR A 289 -0.22 -24.33 -13.78
N ASP A 290 0.17 -24.80 -14.97
CA ASP A 290 1.58 -25.02 -15.28
C ASP A 290 2.33 -23.70 -15.37
N LEU A 291 1.67 -22.70 -15.95
CA LEU A 291 2.21 -21.35 -16.05
C LEU A 291 2.72 -20.82 -14.72
N MET A 292 2.04 -21.20 -13.63
CA MET A 292 2.39 -20.71 -12.30
C MET A 292 2.93 -21.83 -11.41
N ASN A 293 3.43 -22.87 -12.06
CA ASN A 293 3.92 -24.07 -11.37
C ASN A 293 5.42 -24.24 -11.59
N ARG A 294 6.19 -24.12 -10.51
CA ARG A 294 7.66 -24.13 -10.61
C ARG A 294 8.21 -25.47 -11.13
N GLU A 295 7.34 -26.47 -11.23
CA GLU A 295 7.74 -27.78 -11.73
C GLU A 295 7.69 -27.84 -13.26
N LYS A 296 6.94 -26.92 -13.85
CA LYS A 296 6.82 -26.87 -15.31
C LYS A 296 7.65 -25.74 -15.92
N LYS A 297 8.85 -25.54 -15.39
CA LYS A 297 9.71 -24.42 -15.81
C LYS A 297 10.28 -24.60 -17.21
N ASN A 298 10.36 -25.84 -17.69
CA ASN A 298 10.92 -26.06 -19.01
C ASN A 298 9.94 -25.61 -20.09
N LYS A 299 8.75 -25.21 -19.65
CA LYS A 299 7.74 -24.70 -20.56
C LYS A 299 7.92 -23.21 -20.88
N ILE A 300 8.84 -22.55 -20.16
CA ILE A 300 8.99 -21.11 -20.29
C ILE A 300 9.36 -20.59 -21.71
N PRO A 301 10.36 -21.20 -22.36
CA PRO A 301 10.63 -20.72 -23.73
C PRO A 301 9.40 -20.74 -24.64
N SER A 302 8.65 -21.84 -24.61
CA SER A 302 7.46 -21.97 -25.44
C SER A 302 6.39 -20.95 -25.05
N MET A 303 6.19 -20.75 -23.75
CA MET A 303 5.28 -19.71 -23.27
C MET A 303 5.68 -18.31 -23.79
N GLN A 304 6.99 -18.02 -23.78
CA GLN A 304 7.46 -16.72 -24.20
C GLN A 304 7.23 -16.48 -25.69
N VAL A 305 7.47 -17.50 -26.52
CA VAL A 305 7.13 -17.42 -27.95
C VAL A 305 5.63 -17.16 -28.12
N GLY A 306 4.82 -17.88 -27.36
CA GLY A 306 3.38 -17.71 -27.40
C GLY A 306 2.95 -16.31 -27.01
N PHE A 307 3.58 -15.77 -25.96
CA PHE A 307 3.30 -14.42 -25.47
C PHE A 307 3.65 -13.37 -26.52
N ILE A 308 4.80 -13.56 -27.15
CA ILE A 308 5.21 -12.63 -28.20
C ILE A 308 4.22 -12.68 -29.38
N ASP A 309 3.92 -13.89 -29.87
CA ASP A 309 3.07 -14.07 -31.05
C ASP A 309 1.65 -13.57 -30.78
N ALA A 310 1.11 -13.93 -29.61
CA ALA A 310 -0.28 -13.60 -29.30
C ALA A 310 -0.51 -12.15 -28.87
N ILE A 311 0.45 -11.60 -28.13
CA ILE A 311 0.25 -10.30 -27.48
C ILE A 311 1.13 -9.18 -28.01
N CYS A 312 2.44 -9.41 -28.06
CA CYS A 312 3.37 -8.28 -28.21
C CYS A 312 3.65 -7.83 -29.64
N LEU A 313 3.88 -8.79 -30.53
CA LEU A 313 4.39 -8.48 -31.84
C LEU A 313 3.48 -7.53 -32.65
N GLN A 314 2.18 -7.79 -32.68
CA GLN A 314 1.26 -6.96 -33.44
C GLN A 314 1.26 -5.54 -32.92
N LEU A 315 1.49 -5.38 -31.62
CA LEU A 315 1.47 -4.07 -31.01
C LEU A 315 2.67 -3.27 -31.48
N TYR A 316 3.86 -3.86 -31.44
CA TYR A 316 5.04 -3.12 -31.84
C TYR A 316 5.08 -2.92 -33.35
N GLU A 317 4.42 -3.82 -34.08
CA GLU A 317 4.21 -3.62 -35.53
C GLU A 317 3.35 -2.39 -35.79
N ALA A 318 2.22 -2.31 -35.08
CA ALA A 318 1.30 -1.17 -35.19
C ALA A 318 1.98 0.14 -34.75
N LEU A 319 2.72 0.09 -33.66
CA LEU A 319 3.37 1.29 -33.15
C LEU A 319 4.41 1.79 -34.15
N THR A 320 5.10 0.87 -34.82
CA THR A 320 6.08 1.23 -35.83
C THR A 320 5.42 1.91 -37.05
N HIS A 321 4.24 1.44 -37.41
CA HIS A 321 3.45 2.08 -38.47
C HIS A 321 3.08 3.50 -38.09
N VAL A 322 2.84 3.73 -36.81
CA VAL A 322 2.47 5.07 -36.34
C VAL A 322 3.70 5.97 -36.35
N SER A 323 4.82 5.42 -35.89
CA SER A 323 6.10 6.11 -35.95
C SER A 323 7.26 5.17 -36.22
N GLU A 324 7.88 5.32 -37.40
CA GLU A 324 8.98 4.45 -37.80
C GLU A 324 10.13 4.47 -36.81
N ASP A 325 10.26 5.57 -36.08
CA ASP A 325 11.36 5.71 -35.13
C ASP A 325 11.19 4.81 -33.90
N CYS A 326 10.02 4.19 -33.78
CA CYS A 326 9.81 3.16 -32.75
C CYS A 326 10.20 1.75 -33.24
N PHE A 327 10.73 1.67 -34.45
CA PHE A 327 11.18 0.38 -34.98
C PHE A 327 12.04 -0.48 -34.04
N PRO A 328 13.00 0.12 -33.31
CA PRO A 328 13.87 -0.68 -32.44
C PRO A 328 13.11 -1.54 -31.43
N LEU A 329 11.91 -1.11 -31.02
CA LEU A 329 11.10 -1.92 -30.12
C LEU A 329 10.68 -3.19 -30.84
N LEU A 330 10.20 -3.02 -32.07
CA LEU A 330 9.79 -4.15 -32.90
C LEU A 330 10.97 -5.06 -33.20
N ASP A 331 12.10 -4.48 -33.56
CA ASP A 331 13.30 -5.25 -33.87
C ASP A 331 13.74 -6.09 -32.68
N GLY A 332 13.78 -5.48 -31.50
CA GLY A 332 14.14 -6.20 -30.30
C GLY A 332 13.20 -7.34 -29.97
N CYS A 333 11.90 -7.12 -30.20
CA CYS A 333 10.91 -8.16 -29.92
C CYS A 333 11.08 -9.36 -30.89
N ARG A 334 11.33 -9.06 -32.15
CA ARG A 334 11.59 -10.11 -33.14
C ARG A 334 12.83 -10.92 -32.78
N LYS A 335 13.88 -10.24 -32.36
CA LYS A 335 15.11 -10.93 -31.99
C LYS A 335 14.93 -11.84 -30.77
N ASN A 336 14.13 -11.40 -29.80
CA ASN A 336 13.89 -12.21 -28.61
C ASN A 336 13.06 -13.46 -28.94
N ARG A 337 12.10 -13.32 -29.86
CA ARG A 337 11.31 -14.50 -30.25
C ARG A 337 12.23 -15.59 -30.82
N GLN A 338 13.14 -15.18 -31.70
CA GLN A 338 14.06 -16.11 -32.33
C GLN A 338 14.89 -16.85 -31.26
N LYS A 339 15.33 -16.13 -30.22
CA LYS A 339 16.11 -16.72 -29.14
C LYS A 339 15.31 -17.68 -28.27
N TRP A 340 14.06 -17.32 -27.98
CA TRP A 340 13.22 -18.17 -27.15
C TRP A 340 12.81 -19.41 -27.92
N GLN A 341 12.51 -19.24 -29.21
CA GLN A 341 12.18 -20.36 -30.08
C GLN A 341 13.33 -21.37 -30.11
N ALA A 342 14.55 -20.87 -30.33
CA ALA A 342 15.74 -21.75 -30.33
C ALA A 342 15.84 -22.52 -29.04
N LEU A 343 15.54 -21.87 -27.92
CA LEU A 343 15.51 -22.58 -26.64
C LEU A 343 14.35 -23.57 -26.50
N ALA A 344 13.19 -23.19 -27.04
CA ALA A 344 12.01 -24.06 -26.98
C ALA A 344 12.23 -25.36 -27.76
N GLU A 345 13.18 -25.35 -28.69
CA GLU A 345 13.47 -26.52 -29.52
C GLU A 345 14.62 -27.37 -28.99
N GLN A 346 15.53 -26.73 -28.26
CA GLN A 346 16.62 -27.46 -27.61
C GLN A 346 16.04 -28.25 -26.44
N GLN A 347 14.74 -28.04 -26.22
CA GLN A 347 14.04 -28.63 -25.09
C GLN A 347 13.56 -30.04 -25.44
N THR B 24 -16.49 -20.18 3.36
CA THR B 24 -16.37 -21.57 3.84
C THR B 24 -15.18 -22.27 3.22
N ARG B 25 -14.80 -21.85 2.02
CA ARG B 25 -13.55 -22.30 1.43
C ARG B 25 -12.42 -21.60 2.17
N GLU B 26 -12.68 -20.35 2.55
CA GLU B 26 -11.73 -19.57 3.33
C GLU B 26 -11.43 -20.28 4.65
N LEU B 27 -12.49 -20.72 5.33
CA LEU B 27 -12.32 -21.42 6.60
C LEU B 27 -11.49 -22.68 6.42
N GLN B 28 -11.88 -23.49 5.44
CA GLN B 28 -11.15 -24.70 5.11
C GLN B 28 -9.66 -24.40 4.96
N SER B 29 -9.34 -23.43 4.10
CA SER B 29 -7.96 -23.05 3.83
C SER B 29 -7.23 -22.50 5.06
N LEU B 30 -7.89 -21.67 5.85
CA LEU B 30 -7.23 -21.10 7.03
C LEU B 30 -6.88 -22.20 8.05
N ALA B 31 -7.86 -23.06 8.33
CA ALA B 31 -7.69 -24.11 9.33
C ALA B 31 -6.52 -25.06 9.06
N ALA B 32 -6.27 -25.34 7.79
CA ALA B 32 -5.24 -26.29 7.38
C ALA B 32 -3.86 -25.66 7.25
N ALA B 33 -3.81 -24.34 7.17
CA ALA B 33 -2.56 -23.64 6.94
C ALA B 33 -1.57 -23.88 8.07
N VAL B 34 -0.30 -24.03 7.72
CA VAL B 34 0.74 -24.00 8.72
C VAL B 34 0.80 -22.55 9.21
N VAL B 35 0.95 -22.37 10.52
CA VAL B 35 1.09 -21.03 11.10
C VAL B 35 2.56 -20.74 11.38
N PRO B 36 3.16 -19.81 10.62
CA PRO B 36 4.60 -19.54 10.79
C PRO B 36 4.91 -18.95 12.17
N SER B 37 6.18 -18.96 12.56
CA SER B 37 6.54 -18.49 13.89
C SER B 37 6.36 -16.98 14.00
N ALA B 38 6.29 -16.48 15.22
CA ALA B 38 6.20 -15.04 15.44
C ALA B 38 7.39 -14.36 14.77
N GLN B 39 8.56 -14.98 14.92
CA GLN B 39 9.80 -14.42 14.40
C GLN B 39 9.70 -14.21 12.90
N THR B 40 9.21 -15.24 12.21
CA THR B 40 9.08 -15.23 10.75
C THR B 40 8.05 -14.19 10.30
N LEU B 41 6.95 -14.08 11.05
CA LEU B 41 5.88 -13.14 10.72
C LEU B 41 6.18 -11.68 11.12
N LYS B 42 7.25 -11.49 11.88
CA LYS B 42 7.67 -10.15 12.30
C LYS B 42 6.71 -9.43 13.27
N ILE B 43 5.69 -10.15 13.76
CA ILE B 43 4.67 -9.56 14.63
C ILE B 43 5.16 -9.11 16.00
N THR B 44 6.41 -9.39 16.32
CA THR B 44 7.00 -8.92 17.58
C THR B 44 7.56 -7.50 17.47
N ASP B 45 7.74 -7.01 16.24
CA ASP B 45 8.38 -5.71 16.00
C ASP B 45 7.39 -4.54 16.12
N PHE B 46 7.76 -3.51 16.88
CA PHE B 46 6.93 -2.32 16.93
C PHE B 46 6.82 -1.68 15.54
N SER B 47 7.84 -1.87 14.71
CA SER B 47 7.86 -1.30 13.36
C SER B 47 7.07 -2.09 12.31
N PHE B 48 6.38 -3.14 12.75
CA PHE B 48 5.61 -4.04 11.89
C PHE B 48 4.72 -3.31 10.88
N SER B 49 4.73 -3.82 9.64
CA SER B 49 3.82 -3.33 8.62
C SER B 49 2.96 -4.47 8.06
N ASP B 50 1.66 -4.24 7.92
CA ASP B 50 0.77 -5.24 7.33
C ASP B 50 0.72 -5.10 5.81
N PHE B 51 1.40 -4.08 5.29
CA PHE B 51 1.25 -3.65 3.91
C PHE B 51 1.44 -4.77 2.87
N GLU B 52 2.44 -5.60 3.06
CA GLU B 52 2.75 -6.65 2.10
C GLU B 52 2.01 -7.98 2.34
N LEU B 53 1.07 -7.98 3.29
CA LEU B 53 0.34 -9.20 3.67
C LEU B 53 -1.05 -9.31 3.05
N SER B 54 -1.41 -10.53 2.67
CA SER B 54 -2.75 -10.82 2.18
C SER B 54 -3.66 -10.96 3.39
N ASP B 55 -4.97 -10.90 3.18
CA ASP B 55 -5.89 -11.11 4.30
C ASP B 55 -5.59 -12.45 5.00
N LEU B 56 -5.43 -13.51 4.22
CA LEU B 56 -5.11 -14.81 4.79
C LEU B 56 -3.92 -14.72 5.73
N GLU B 57 -2.87 -14.04 5.29
CA GLU B 57 -1.68 -13.92 6.12
C GLU B 57 -1.95 -13.14 7.41
N THR B 58 -2.83 -12.15 7.35
CA THR B 58 -3.18 -11.42 8.57
C THR B 58 -3.90 -12.35 9.55
N ALA B 59 -4.71 -13.27 9.02
CA ALA B 59 -5.43 -14.22 9.86
C ALA B 59 -4.46 -15.17 10.54
N LEU B 60 -3.44 -15.60 9.80
CA LEU B 60 -2.41 -16.46 10.35
C LEU B 60 -1.61 -15.74 11.44
N CYS B 61 -1.33 -14.46 11.21
CA CYS B 61 -0.65 -13.64 12.21
C CYS B 61 -1.48 -13.61 13.48
N THR B 62 -2.79 -13.47 13.31
CA THR B 62 -3.70 -13.37 14.43
C THR B 62 -3.69 -14.67 15.22
N ILE B 63 -3.74 -15.80 14.52
CA ILE B 63 -3.65 -17.08 15.21
C ILE B 63 -2.37 -17.16 16.02
N ARG B 64 -1.25 -16.71 15.44
CA ARG B 64 0.04 -16.75 16.11
C ARG B 64 0.05 -15.88 17.38
N MET B 65 -0.69 -14.78 17.35
CA MET B 65 -0.80 -13.92 18.53
C MET B 65 -1.49 -14.65 19.69
N PHE B 66 -2.62 -15.27 19.42
CA PHE B 66 -3.33 -16.03 20.44
C PHE B 66 -2.48 -17.18 20.97
N THR B 67 -1.78 -17.86 20.07
CA THR B 67 -0.93 -18.98 20.46
C THR B 67 0.24 -18.53 21.33
N ASP B 68 0.98 -17.54 20.87
CA ASP B 68 2.20 -17.14 21.58
C ASP B 68 1.93 -16.36 22.87
N LEU B 69 0.71 -15.89 23.04
CA LEU B 69 0.32 -15.33 24.33
C LEU B 69 -0.23 -16.41 25.25
N ASN B 70 -0.14 -17.67 24.82
CA ASN B 70 -0.58 -18.81 25.62
C ASN B 70 -2.09 -18.84 25.83
N LEU B 71 -2.83 -18.15 24.98
CA LEU B 71 -4.27 -18.08 25.12
C LEU B 71 -4.93 -19.36 24.61
N VAL B 72 -4.35 -19.96 23.58
CA VAL B 72 -4.90 -21.20 23.02
C VAL B 72 -4.75 -22.33 24.03
N GLN B 73 -3.56 -22.45 24.60
CA GLN B 73 -3.27 -23.46 25.61
C GLN B 73 -4.10 -23.26 26.89
N ASN B 74 -3.98 -22.07 27.47
CA ASN B 74 -4.61 -21.78 28.77
C ASN B 74 -6.14 -21.76 28.78
N PHE B 75 -6.76 -21.51 27.63
CA PHE B 75 -8.21 -21.50 27.62
C PHE B 75 -8.80 -22.56 26.69
N GLN B 76 -7.99 -23.55 26.35
CA GLN B 76 -8.44 -24.72 25.58
C GLN B 76 -9.25 -24.34 24.34
N MET B 77 -8.69 -23.44 23.52
CA MET B 77 -9.36 -23.02 22.32
C MET B 77 -9.23 -24.10 21.24
N LYS B 78 -10.33 -24.46 20.61
CA LYS B 78 -10.30 -25.37 19.47
C LYS B 78 -9.87 -24.60 18.22
N HIS B 79 -8.90 -25.14 17.51
CA HIS B 79 -8.30 -24.47 16.35
C HIS B 79 -9.33 -24.00 15.34
N GLU B 80 -10.30 -24.85 15.03
CA GLU B 80 -11.33 -24.55 14.03
C GLU B 80 -12.23 -23.41 14.49
N VAL B 81 -12.43 -23.33 15.80
CA VAL B 81 -13.33 -22.33 16.36
C VAL B 81 -12.65 -20.96 16.38
N LEU B 82 -11.36 -20.94 16.74
CA LEU B 82 -10.58 -19.70 16.68
C LEU B 82 -10.51 -19.20 15.24
N CYS B 83 -10.24 -20.11 14.31
CA CYS B 83 -10.17 -19.73 12.90
C CYS B 83 -11.49 -19.13 12.46
N ARG B 84 -12.60 -19.78 12.80
CA ARG B 84 -13.90 -19.27 12.39
C ARG B 84 -14.14 -17.89 13.02
N TRP B 85 -13.71 -17.73 14.27
CA TRP B 85 -13.92 -16.47 14.95
C TRP B 85 -13.15 -15.35 14.25
N ILE B 86 -11.88 -15.60 13.97
CA ILE B 86 -11.06 -14.61 13.29
C ILE B 86 -11.70 -14.21 11.96
N LEU B 87 -12.13 -15.19 11.17
CA LEU B 87 -12.77 -14.90 9.89
C LEU B 87 -14.08 -14.14 10.06
N SER B 88 -14.84 -14.45 11.10
CA SER B 88 -16.08 -13.71 11.39
C SER B 88 -15.81 -12.24 11.70
N VAL B 89 -14.81 -11.99 12.54
CA VAL B 89 -14.46 -10.61 12.87
C VAL B 89 -14.05 -9.85 11.60
N LYS B 90 -13.10 -10.40 10.86
CA LYS B 90 -12.64 -9.80 9.61
C LYS B 90 -13.80 -9.51 8.65
N LYS B 91 -14.69 -10.48 8.46
CA LYS B 91 -15.85 -10.31 7.57
C LYS B 91 -16.80 -9.19 8.01
N ASN B 92 -16.89 -8.94 9.30
CA ASN B 92 -17.78 -7.90 9.77
C ASN B 92 -17.25 -6.46 9.66
N TYR B 93 -16.00 -6.30 9.24
CA TYR B 93 -15.47 -4.99 8.93
C TYR B 93 -15.80 -4.65 7.47
N ARG B 94 -15.92 -3.36 7.17
CA ARG B 94 -16.26 -2.91 5.81
C ARG B 94 -15.03 -2.37 5.11
N LYS B 95 -14.59 -3.07 4.07
CA LYS B 95 -13.41 -2.66 3.31
C LYS B 95 -13.57 -1.26 2.71
N ASN B 96 -14.83 -0.89 2.45
CA ASN B 96 -15.09 0.42 1.84
C ASN B 96 -14.86 1.60 2.78
N VAL B 97 -14.47 1.32 4.03
CA VAL B 97 -14.05 2.38 4.96
C VAL B 97 -12.51 2.47 4.93
N ALA B 98 -11.99 3.68 4.70
CA ALA B 98 -10.60 3.82 4.33
C ALA B 98 -9.60 3.53 5.47
N TYR B 99 -9.94 3.95 6.68
CA TYR B 99 -9.04 3.78 7.81
C TYR B 99 -9.56 2.76 8.82
N HIS B 100 -10.78 2.97 9.29
CA HIS B 100 -11.37 2.10 10.30
C HIS B 100 -11.94 0.78 9.74
N ASN B 101 -11.06 -0.15 9.43
CA ASN B 101 -11.41 -1.41 8.80
C ASN B 101 -10.60 -2.54 9.42
N TRP B 102 -10.63 -3.72 8.80
CA TRP B 102 -9.96 -4.86 9.40
C TRP B 102 -8.48 -4.64 9.63
N ARG B 103 -7.81 -4.00 8.67
CA ARG B 103 -6.37 -3.77 8.79
C ARG B 103 -6.05 -2.92 10.04
N HIS B 104 -6.90 -1.94 10.32
CA HIS B 104 -6.67 -1.15 11.53
C HIS B 104 -6.88 -1.98 12.80
N ALA B 105 -7.95 -2.78 12.83
CA ALA B 105 -8.17 -3.67 13.98
C ALA B 105 -6.99 -4.64 14.15
N PHE B 106 -6.58 -5.26 13.07
CA PHE B 106 -5.42 -6.13 13.04
C PHE B 106 -4.15 -5.43 13.55
N ASN B 107 -3.89 -4.21 13.07
CA ASN B 107 -2.71 -3.48 13.53
C ASN B 107 -2.78 -3.12 15.02
N THR B 108 -3.97 -2.77 15.48
CA THR B 108 -4.15 -2.47 16.89
C THR B 108 -3.79 -3.71 17.71
N ALA B 109 -4.27 -4.87 17.28
CA ALA B 109 -3.91 -6.14 17.93
C ALA B 109 -2.42 -6.46 17.87
N GLN B 110 -1.79 -6.22 16.72
CA GLN B 110 -0.35 -6.50 16.61
C GLN B 110 0.46 -5.58 17.54
N CYS B 111 0.03 -4.33 17.67
CA CYS B 111 0.71 -3.42 18.58
C CYS B 111 0.54 -3.90 20.02
N MET B 112 -0.63 -4.42 20.35
CA MET B 112 -0.82 -5.05 21.65
C MET B 112 0.16 -6.21 21.88
N PHE B 113 0.26 -7.12 20.92
CA PHE B 113 1.21 -8.23 20.99
C PHE B 113 2.65 -7.73 21.17
N ALA B 114 3.05 -6.77 20.34
CA ALA B 114 4.38 -6.19 20.47
C ALA B 114 4.64 -5.54 21.85
N ALA B 115 3.67 -4.77 22.37
CA ALA B 115 3.87 -4.15 23.69
C ALA B 115 3.96 -5.19 24.80
N LEU B 116 3.17 -6.25 24.70
CA LEU B 116 3.21 -7.34 25.68
C LEU B 116 4.53 -8.09 25.58
N LYS B 117 5.01 -8.30 24.36
CA LYS B 117 6.23 -9.08 24.17
C LYS B 117 7.49 -8.22 24.17
N ALA B 118 7.76 -7.50 23.09
CA ALA B 118 8.95 -6.66 23.03
C ALA B 118 8.91 -5.57 24.08
N GLY B 119 7.71 -5.06 24.35
CA GLY B 119 7.53 -4.00 25.33
C GLY B 119 7.54 -4.49 26.77
N LYS B 120 7.51 -5.81 26.96
CA LYS B 120 7.59 -6.41 28.29
C LYS B 120 6.42 -6.04 29.22
N ILE B 121 5.25 -5.80 28.64
CA ILE B 121 4.08 -5.52 29.46
C ILE B 121 3.43 -6.83 29.92
N GLN B 122 3.67 -7.92 29.20
CA GLN B 122 2.95 -9.17 29.44
C GLN B 122 2.83 -9.55 30.91
N ASN B 123 3.93 -9.51 31.66
CA ASN B 123 3.88 -9.96 33.06
C ASN B 123 3.27 -8.96 34.02
N LYS B 124 2.86 -7.81 33.50
CA LYS B 124 2.21 -6.79 34.33
C LYS B 124 0.72 -7.03 34.35
N LEU B 125 0.26 -7.97 33.51
CA LEU B 125 -1.16 -8.27 33.37
C LEU B 125 -1.43 -9.75 33.62
N THR B 126 -2.69 -10.08 33.90
CA THR B 126 -3.11 -11.47 34.06
C THR B 126 -3.49 -12.07 32.72
N ASP B 127 -3.54 -13.40 32.64
CA ASP B 127 -3.94 -14.08 31.42
C ASP B 127 -5.31 -13.63 30.92
N LEU B 128 -6.26 -13.50 31.82
CA LEU B 128 -7.60 -13.06 31.47
C LEU B 128 -7.62 -11.63 30.90
N GLU B 129 -6.79 -10.76 31.48
CA GLU B 129 -6.69 -9.38 30.97
C GLU B 129 -6.12 -9.38 29.55
N ILE B 130 -5.08 -10.19 29.34
CA ILE B 130 -4.44 -10.30 28.02
C ILE B 130 -5.44 -10.83 27.00
N LEU B 131 -6.14 -11.89 27.38
CA LEU B 131 -7.23 -12.43 26.57
C LEU B 131 -8.22 -11.37 26.13
N ALA B 132 -8.71 -10.60 27.11
CA ALA B 132 -9.69 -9.55 26.89
C ALA B 132 -9.16 -8.45 25.97
N LEU B 133 -7.93 -8.01 26.22
CA LEU B 133 -7.32 -6.93 25.45
C LEU B 133 -7.13 -7.34 23.99
N LEU B 134 -6.66 -8.56 23.78
CA LEU B 134 -6.46 -9.03 22.40
C LEU B 134 -7.78 -9.06 21.65
N ILE B 135 -8.80 -9.66 22.25
CA ILE B 135 -10.14 -9.67 21.68
C ILE B 135 -10.71 -8.27 21.46
N ALA B 136 -10.54 -7.38 22.45
CA ALA B 136 -11.02 -6.02 22.31
C ALA B 136 -10.28 -5.25 21.20
N ALA B 137 -8.96 -5.43 21.11
CA ALA B 137 -8.19 -4.77 20.05
C ALA B 137 -8.74 -5.19 18.67
N LEU B 138 -8.94 -6.49 18.50
CA LEU B 138 -9.48 -6.99 17.22
C LEU B 138 -10.93 -6.53 16.94
N SER B 139 -11.72 -6.36 17.99
CA SER B 139 -13.15 -6.15 17.81
C SER B 139 -13.60 -4.70 17.99
N HIS B 140 -12.70 -3.81 18.38
CA HIS B 140 -13.17 -2.53 18.92
C HIS B 140 -13.81 -1.57 17.91
N ASP B 141 -13.53 -1.74 16.63
CA ASP B 141 -14.13 -0.85 15.64
C ASP B 141 -15.25 -1.51 14.82
N LEU B 142 -15.77 -2.65 15.28
CA LEU B 142 -16.82 -3.34 14.53
C LEU B 142 -18.09 -2.49 14.46
N ILE B 167 -11.11 12.21 15.96
CA ILE B 167 -12.57 12.11 16.02
C ILE B 167 -13.05 11.44 17.31
N MET B 168 -14.11 12.01 17.88
CA MET B 168 -14.67 11.53 19.13
C MET B 168 -15.87 10.61 18.87
N GLU B 169 -15.67 9.63 17.98
CA GLU B 169 -16.71 8.63 17.72
C GLU B 169 -16.81 7.62 18.85
N HIS B 170 -18.02 7.13 19.08
CA HIS B 170 -18.24 6.10 20.08
C HIS B 170 -17.91 4.73 19.52
N HIS B 171 -17.29 3.89 20.36
CA HIS B 171 -17.05 2.50 20.02
C HIS B 171 -18.07 1.64 20.78
N HIS B 172 -18.53 0.55 20.19
CA HIS B 172 -19.49 -0.30 20.87
C HIS B 172 -19.07 -1.77 20.85
N PHE B 173 -19.47 -2.50 21.87
CA PHE B 173 -19.02 -3.87 22.07
C PHE B 173 -20.09 -4.90 21.67
N ASP B 174 -21.25 -4.41 21.24
CA ASP B 174 -22.37 -5.30 20.89
C ASP B 174 -22.02 -6.30 19.80
N GLN B 175 -21.37 -5.80 18.75
CA GLN B 175 -21.02 -6.65 17.63
C GLN B 175 -19.98 -7.66 18.08
N CYS B 176 -19.06 -7.22 18.95
CA CYS B 176 -18.05 -8.09 19.53
C CYS B 176 -18.67 -9.27 20.26
N LEU B 177 -19.62 -8.96 21.13
CA LEU B 177 -20.29 -9.99 21.92
C LEU B 177 -21.13 -10.92 21.04
N MET B 178 -21.87 -10.35 20.10
CA MET B 178 -22.69 -11.15 19.18
C MET B 178 -21.84 -12.20 18.48
N ILE B 179 -20.68 -11.80 17.99
CA ILE B 179 -19.76 -12.72 17.32
C ILE B 179 -19.18 -13.77 18.27
N LEU B 180 -18.80 -13.33 19.47
CA LEU B 180 -18.29 -14.23 20.52
C LEU B 180 -19.29 -15.34 20.89
N ASN B 181 -20.58 -15.03 20.82
CA ASN B 181 -21.62 -16.01 21.18
C ASN B 181 -22.18 -16.79 20.00
N SER B 182 -21.73 -16.47 18.79
CA SER B 182 -22.22 -17.13 17.59
C SER B 182 -21.80 -18.59 17.56
N PRO B 183 -22.74 -19.48 17.18
CA PRO B 183 -22.46 -20.90 17.03
C PRO B 183 -21.15 -21.14 16.26
N GLY B 184 -20.25 -21.94 16.82
CA GLY B 184 -19.01 -22.28 16.17
C GLY B 184 -17.90 -21.25 16.29
N ASN B 185 -18.20 -20.13 16.96
CA ASN B 185 -17.25 -19.03 17.12
C ASN B 185 -16.87 -18.77 18.58
N GLN B 186 -17.37 -19.61 19.47
CA GLN B 186 -17.27 -19.34 20.91
C GLN B 186 -15.89 -19.67 21.49
N ILE B 187 -14.94 -18.76 21.28
CA ILE B 187 -13.56 -18.97 21.70
C ILE B 187 -13.38 -18.87 23.22
N LEU B 188 -14.43 -18.42 23.92
CA LEU B 188 -14.39 -18.34 25.39
C LEU B 188 -15.15 -19.49 26.07
N SER B 189 -15.66 -20.44 25.29
CA SER B 189 -16.46 -21.53 25.84
C SER B 189 -15.71 -22.32 26.91
N GLY B 190 -14.38 -22.27 26.85
CA GLY B 190 -13.55 -23.01 27.77
C GLY B 190 -13.28 -22.31 29.09
N LEU B 191 -13.83 -21.12 29.27
CA LEU B 191 -13.72 -20.40 30.55
C LEU B 191 -14.81 -20.86 31.52
N SER B 192 -14.49 -20.81 32.81
CA SER B 192 -15.48 -21.05 33.85
C SER B 192 -16.50 -19.91 33.82
N ILE B 193 -17.58 -20.07 34.57
CA ILE B 193 -18.60 -19.03 34.63
C ILE B 193 -18.01 -17.74 35.17
N GLU B 194 -17.23 -17.84 36.25
CA GLU B 194 -16.66 -16.67 36.89
C GLU B 194 -15.67 -15.96 35.96
N GLU B 195 -14.73 -16.73 35.41
CA GLU B 195 -13.77 -16.21 34.44
C GLU B 195 -14.46 -15.50 33.28
N TYR B 196 -15.48 -16.13 32.73
CA TYR B 196 -16.25 -15.55 31.64
C TYR B 196 -16.81 -14.17 31.99
N LYS B 197 -17.44 -14.06 33.15
CA LYS B 197 -18.03 -12.78 33.55
C LYS B 197 -16.94 -11.72 33.69
N THR B 198 -15.84 -12.09 34.34
CA THR B 198 -14.67 -11.21 34.49
C THR B 198 -14.18 -10.74 33.12
N THR B 199 -13.97 -11.70 32.22
CA THR B 199 -13.41 -11.39 30.93
C THR B 199 -14.31 -10.46 30.13
N LEU B 200 -15.62 -10.71 30.17
CA LEU B 200 -16.57 -9.91 29.43
C LEU B 200 -16.53 -8.45 29.84
N LYS B 201 -16.44 -8.22 31.15
CA LYS B 201 -16.39 -6.87 31.68
C LYS B 201 -15.14 -6.15 31.21
N ILE B 202 -14.02 -6.84 31.19
CA ILE B 202 -12.77 -6.23 30.77
C ILE B 202 -12.85 -5.93 29.28
N ILE B 203 -13.38 -6.86 28.50
CA ILE B 203 -13.55 -6.64 27.07
C ILE B 203 -14.40 -5.40 26.78
N LYS B 204 -15.50 -5.26 27.51
CA LYS B 204 -16.37 -4.09 27.36
C LYS B 204 -15.63 -2.78 27.67
N GLN B 205 -14.96 -2.74 28.81
CA GLN B 205 -14.26 -1.53 29.22
C GLN B 205 -13.15 -1.18 28.22
N ALA B 206 -12.47 -2.20 27.71
CA ALA B 206 -11.37 -2.01 26.78
C ALA B 206 -11.87 -1.40 25.47
N ILE B 207 -13.03 -1.85 25.02
CA ILE B 207 -13.57 -1.33 23.78
C ILE B 207 -14.00 0.13 23.96
N LEU B 208 -14.69 0.42 25.06
CA LEU B 208 -15.11 1.77 25.37
C LEU B 208 -13.92 2.69 25.60
N ALA B 209 -12.80 2.12 26.07
CA ALA B 209 -11.62 2.93 26.35
C ALA B 209 -11.08 3.62 25.08
N THR B 210 -11.32 2.99 23.92
CA THR B 210 -10.84 3.55 22.64
C THR B 210 -11.60 4.82 22.20
N ASP B 211 -12.65 5.17 22.93
CA ASP B 211 -13.29 6.48 22.73
C ASP B 211 -12.31 7.55 23.21
N LEU B 212 -11.89 8.43 22.30
CA LEU B 212 -10.93 9.47 22.67
C LEU B 212 -11.44 10.38 23.78
N ALA B 213 -12.74 10.64 23.82
CA ALA B 213 -13.28 11.46 24.89
C ALA B 213 -12.97 10.83 26.25
N LEU B 214 -13.06 9.51 26.32
CA LEU B 214 -12.79 8.80 27.57
C LEU B 214 -11.30 8.82 27.94
N TYR B 215 -10.44 8.70 26.93
CA TYR B 215 -8.99 8.87 27.14
C TYR B 215 -8.67 10.27 27.68
N ILE B 216 -9.18 11.29 27.03
CA ILE B 216 -8.96 12.66 27.48
C ILE B 216 -9.47 12.88 28.91
N LYS B 217 -10.60 12.24 29.23
CA LYS B 217 -11.20 12.37 30.56
C LYS B 217 -10.32 11.78 31.69
N ARG B 218 -9.70 10.65 31.41
CA ARG B 218 -9.07 9.86 32.46
C ARG B 218 -7.56 9.92 32.47
N ARG B 219 -6.96 10.42 31.39
CA ARG B 219 -5.50 10.36 31.27
C ARG B 219 -4.75 11.18 32.32
N GLY B 220 -5.35 12.28 32.75
CA GLY B 220 -4.69 13.16 33.69
C GLY B 220 -4.35 12.46 35.01
N GLU B 221 -5.29 11.69 35.53
CA GLU B 221 -5.09 10.88 36.72
C GLU B 221 -3.91 9.92 36.53
N PHE B 222 -3.89 9.24 35.38
CA PHE B 222 -2.81 8.31 35.03
C PHE B 222 -1.44 8.97 34.96
N PHE B 223 -1.36 10.08 34.23
CA PHE B 223 -0.10 10.78 34.05
C PHE B 223 0.48 11.19 35.39
N GLU B 224 -0.40 11.67 36.27
CA GLU B 224 0.01 12.19 37.56
C GLU B 224 0.49 11.08 38.49
N LEU B 225 -0.20 9.94 38.44
CA LEU B 225 0.23 8.77 39.22
C LEU B 225 1.62 8.35 38.78
N ILE B 226 1.84 8.39 37.48
CA ILE B 226 3.14 8.02 36.93
C ILE B 226 4.17 9.03 37.37
N ARG B 227 3.86 10.30 37.21
CA ARG B 227 4.81 11.37 37.55
C ARG B 227 5.24 11.35 39.03
N LYS B 228 4.32 10.98 39.91
CA LYS B 228 4.58 11.02 41.35
C LYS B 228 5.02 9.66 41.89
N ASN B 229 5.31 8.74 40.99
CA ASN B 229 5.74 7.40 41.37
C ASN B 229 4.75 6.71 42.29
N GLN B 230 3.47 6.94 42.04
CA GLN B 230 2.41 6.35 42.85
C GLN B 230 1.65 5.26 42.10
N PHE B 231 1.93 5.07 40.82
CA PHE B 231 1.15 4.15 40.01
C PHE B 231 1.32 2.73 40.53
N ASN B 232 0.20 2.04 40.71
CA ASN B 232 0.18 0.76 41.38
C ASN B 232 -0.69 -0.24 40.62
N LEU B 233 -0.04 -1.15 39.92
CA LEU B 233 -0.73 -2.19 39.14
C LEU B 233 -1.63 -3.07 40.00
N GLU B 234 -1.32 -3.19 41.29
CA GLU B 234 -2.10 -4.06 42.17
C GLU B 234 -3.41 -3.43 42.67
N ASP B 235 -3.59 -2.13 42.45
CA ASP B 235 -4.87 -1.51 42.78
C ASP B 235 -5.86 -1.67 41.61
N PRO B 236 -7.05 -2.20 41.88
CA PRO B 236 -8.02 -2.52 40.82
C PRO B 236 -8.39 -1.34 39.94
N HIS B 237 -8.65 -0.19 40.56
CA HIS B 237 -8.95 1.00 39.80
C HIS B 237 -7.79 1.40 38.89
N GLN B 238 -6.58 1.43 39.44
CA GLN B 238 -5.43 1.82 38.63
C GLN B 238 -5.14 0.83 37.53
N LYS B 239 -5.35 -0.46 37.81
CA LYS B 239 -5.20 -1.49 36.78
C LYS B 239 -6.18 -1.24 35.63
N GLU B 240 -7.43 -0.96 35.97
CA GLU B 240 -8.44 -0.64 34.97
C GLU B 240 -7.99 0.54 34.13
N LEU B 241 -7.52 1.58 34.81
CA LEU B 241 -7.05 2.78 34.16
C LEU B 241 -5.91 2.47 33.18
N PHE B 242 -4.95 1.67 33.62
CA PHE B 242 -3.81 1.29 32.77
C PHE B 242 -4.24 0.50 31.53
N LEU B 243 -5.19 -0.42 31.69
CA LEU B 243 -5.70 -1.20 30.56
C LEU B 243 -6.33 -0.30 29.50
N ALA B 244 -7.04 0.72 29.95
CA ALA B 244 -7.63 1.71 29.08
C ALA B 244 -6.57 2.49 28.29
N MET B 245 -5.55 2.96 29.03
CA MET B 245 -4.44 3.70 28.43
C MET B 245 -3.70 2.85 27.42
N LEU B 246 -3.53 1.57 27.75
CA LEU B 246 -2.90 0.63 26.83
C LEU B 246 -3.71 0.46 25.55
N MET B 247 -5.02 0.32 25.66
CA MET B 247 -5.88 0.30 24.48
C MET B 247 -5.71 1.55 23.60
N THR B 248 -5.75 2.73 24.19
CA THR B 248 -5.52 3.93 23.41
C THR B 248 -4.18 3.87 22.69
N ALA B 249 -3.13 3.48 23.43
CA ALA B 249 -1.77 3.45 22.89
C ALA B 249 -1.73 2.58 21.64
N CYS B 250 -2.44 1.45 21.67
CA CYS B 250 -2.42 0.53 20.54
C CYS B 250 -3.29 1.04 19.39
N ASP B 251 -4.47 1.56 19.73
CA ASP B 251 -5.37 2.10 18.69
C ASP B 251 -4.75 3.27 17.90
N LEU B 252 -3.92 4.09 18.55
CA LEU B 252 -3.31 5.24 17.90
C LEU B 252 -1.92 4.94 17.33
N SER B 253 -1.51 3.69 17.41
CA SER B 253 -0.10 3.35 17.14
C SER B 253 0.41 3.57 15.71
N ALA B 254 -0.47 3.83 14.74
CA ALA B 254 0.01 4.23 13.41
C ALA B 254 0.92 5.47 13.50
N ILE B 255 0.67 6.30 14.51
CA ILE B 255 1.42 7.53 14.72
C ILE B 255 2.88 7.28 15.14
N THR B 256 3.21 6.03 15.46
CA THR B 256 4.55 5.66 15.97
C THR B 256 5.38 4.96 14.90
N LYS B 257 4.76 4.67 13.76
CA LYS B 257 5.34 3.80 12.75
C LYS B 257 6.39 4.53 11.91
N PRO B 258 7.26 3.77 11.23
CA PRO B 258 8.25 4.41 10.38
C PRO B 258 7.53 5.29 9.37
N TRP B 259 8.17 6.37 8.98
CA TRP B 259 7.55 7.42 8.16
C TRP B 259 6.76 6.93 6.93
N PRO B 260 7.33 6.02 6.13
CA PRO B 260 6.55 5.60 4.95
C PRO B 260 5.21 5.00 5.32
N ILE B 261 5.16 4.28 6.44
CA ILE B 261 3.90 3.71 6.93
C ILE B 261 2.95 4.77 7.49
N GLN B 262 3.47 5.64 8.35
CA GLN B 262 2.66 6.73 8.90
C GLN B 262 2.10 7.60 7.77
N GLN B 263 2.95 7.95 6.82
CA GLN B 263 2.49 8.80 5.73
C GLN B 263 1.32 8.15 5.00
N ARG B 264 1.45 6.86 4.73
CA ARG B 264 0.42 6.13 4.01
C ARG B 264 -0.83 6.00 4.86
N ILE B 265 -0.67 5.71 6.14
CA ILE B 265 -1.85 5.63 7.00
C ILE B 265 -2.54 6.99 7.20
N ALA B 266 -1.74 8.07 7.31
CA ALA B 266 -2.32 9.40 7.43
C ALA B 266 -3.18 9.75 6.21
N GLU B 267 -2.77 9.28 5.04
CA GLU B 267 -3.58 9.46 3.81
C GLU B 267 -4.96 8.84 3.99
N LEU B 268 -5.00 7.64 4.56
CA LEU B 268 -6.25 6.94 4.83
C LEU B 268 -7.11 7.68 5.85
N VAL B 269 -6.50 8.16 6.94
CA VAL B 269 -7.23 8.93 7.94
C VAL B 269 -7.86 10.16 7.30
N ALA B 270 -7.08 10.86 6.48
CA ALA B 270 -7.54 12.08 5.83
C ALA B 270 -8.68 11.76 4.87
N THR B 271 -8.53 10.63 4.17
CA THR B 271 -9.54 10.19 3.22
C THR B 271 -10.87 9.96 3.93
N GLU B 272 -10.80 9.27 5.06
CA GLU B 272 -12.00 8.97 5.82
C GLU B 272 -12.64 10.24 6.36
N PHE B 273 -11.82 11.17 6.86
CA PHE B 273 -12.33 12.42 7.42
C PHE B 273 -13.02 13.27 6.34
N PHE B 274 -12.35 13.42 5.21
CA PHE B 274 -12.85 14.26 4.12
C PHE B 274 -14.07 13.67 3.41
N ASP B 275 -14.10 12.36 3.25
CA ASP B 275 -15.28 11.70 2.67
C ASP B 275 -16.48 11.83 3.59
N GLN B 276 -16.26 11.67 4.90
CA GLN B 276 -17.31 11.91 5.89
C GLN B 276 -17.84 13.35 5.83
N GLY B 277 -16.91 14.32 5.81
CA GLY B 277 -17.27 15.72 5.68
C GLY B 277 -18.06 16.03 4.41
N ASP B 278 -17.65 15.44 3.30
CA ASP B 278 -18.34 15.60 2.03
C ASP B 278 -19.76 15.07 2.13
N ARG B 279 -19.90 13.89 2.73
CA ARG B 279 -21.20 13.25 2.89
C ARG B 279 -22.14 14.07 3.78
N GLU B 280 -21.61 14.65 4.85
CA GLU B 280 -22.43 15.43 5.78
C GLU B 280 -22.91 16.72 5.11
N ARG B 281 -22.08 17.28 4.24
CA ARG B 281 -22.43 18.49 3.49
C ARG B 281 -23.56 18.20 2.51
N LYS B 282 -23.36 17.18 1.67
CA LYS B 282 -24.37 16.77 0.69
C LYS B 282 -25.69 16.32 1.36
N GLU B 283 -25.59 15.42 2.33
CA GLU B 283 -26.76 14.81 2.95
C GLU B 283 -27.47 15.67 4.01
N LEU B 284 -26.70 16.40 4.81
CA LEU B 284 -27.25 17.09 5.98
C LEU B 284 -26.92 18.58 6.04
N ASN B 285 -26.34 19.10 4.97
CA ASN B 285 -25.99 20.52 4.88
C ASN B 285 -25.10 21.04 6.03
N ILE B 286 -24.36 20.13 6.65
CA ILE B 286 -23.43 20.50 7.72
C ILE B 286 -22.18 21.19 7.16
N GLU B 287 -21.82 22.34 7.75
CA GLU B 287 -20.55 22.98 7.47
C GLU B 287 -19.49 22.18 8.22
N PRO B 288 -18.60 21.50 7.48
CA PRO B 288 -17.58 20.64 8.09
C PRO B 288 -16.57 21.42 8.92
N THR B 289 -16.09 20.84 10.02
CA THR B 289 -14.96 21.42 10.75
C THR B 289 -13.72 21.27 9.87
N ASP B 290 -12.64 21.96 10.24
CA ASP B 290 -11.43 21.98 9.42
C ASP B 290 -10.84 20.58 9.15
N LEU B 291 -10.81 19.72 10.18
CA LEU B 291 -10.23 18.38 10.01
C LEU B 291 -11.05 17.53 9.02
N MET B 292 -12.34 17.81 8.91
CA MET B 292 -13.22 17.09 7.99
C MET B 292 -13.46 17.86 6.67
N ASN B 293 -12.75 18.97 6.49
CA ASN B 293 -12.93 19.87 5.35
C ASN B 293 -11.84 19.72 4.29
N ARG B 294 -12.17 19.04 3.19
CA ARG B 294 -11.25 18.79 2.09
C ARG B 294 -10.60 20.07 1.55
N GLU B 295 -11.30 21.19 1.68
CA GLU B 295 -10.79 22.48 1.24
C GLU B 295 -9.64 22.97 2.14
N LYS B 296 -9.50 22.37 3.32
CA LYS B 296 -8.45 22.75 4.28
C LYS B 296 -7.34 21.69 4.38
N LYS B 297 -7.14 20.95 3.29
CA LYS B 297 -6.15 19.88 3.24
C LYS B 297 -4.72 20.35 3.52
N ASN B 298 -4.46 21.63 3.27
CA ASN B 298 -3.12 22.18 3.46
C ASN B 298 -2.73 22.13 4.92
N LYS B 299 -3.75 22.06 5.79
CA LYS B 299 -3.54 22.12 7.22
C LYS B 299 -3.17 20.78 7.83
N ILE B 300 -3.14 19.73 7.03
CA ILE B 300 -2.90 18.40 7.59
C ILE B 300 -1.59 18.26 8.41
N PRO B 301 -0.44 18.70 7.87
CA PRO B 301 0.79 18.54 8.65
C PRO B 301 0.71 19.27 9.97
N SER B 302 0.15 20.48 9.97
CA SER B 302 0.01 21.23 11.20
C SER B 302 -0.90 20.49 12.18
N MET B 303 -2.04 19.99 11.67
CA MET B 303 -2.97 19.18 12.45
C MET B 303 -2.29 17.96 13.09
N GLN B 304 -1.45 17.28 12.31
CA GLN B 304 -0.75 16.09 12.80
C GLN B 304 0.23 16.40 13.93
N VAL B 305 0.99 17.51 13.80
CA VAL B 305 1.82 17.97 14.90
C VAL B 305 0.98 18.23 16.16
N GLY B 306 -0.16 18.90 16.00
CA GLY B 306 -1.05 19.18 17.12
C GLY B 306 -1.56 17.90 17.75
N PHE B 307 -1.93 16.95 16.89
CA PHE B 307 -2.39 15.63 17.32
C PHE B 307 -1.34 14.91 18.15
N ILE B 308 -0.11 14.87 17.64
CA ILE B 308 1.01 14.29 18.38
C ILE B 308 1.23 15.00 19.72
N ASP B 309 1.32 16.33 19.68
CA ASP B 309 1.61 17.10 20.91
C ASP B 309 0.52 16.99 21.98
N ALA B 310 -0.73 17.14 21.56
CA ALA B 310 -1.87 17.24 22.48
C ALA B 310 -2.38 15.87 22.95
N ILE B 311 -2.28 14.88 22.07
CA ILE B 311 -2.93 13.59 22.28
C ILE B 311 -1.94 12.44 22.51
N CYS B 312 -0.94 12.32 21.65
CA CYS B 312 -0.11 11.11 21.60
C CYS B 312 1.13 11.08 22.50
N LEU B 313 1.95 12.12 22.46
CA LEU B 313 3.28 12.06 23.08
C LEU B 313 3.23 11.76 24.58
N GLN B 314 2.29 12.39 25.29
CA GLN B 314 2.21 12.18 26.74
C GLN B 314 1.92 10.74 27.06
N LEU B 315 1.10 10.10 26.24
CA LEU B 315 0.74 8.72 26.48
C LEU B 315 1.94 7.80 26.27
N TYR B 316 2.65 7.96 25.16
CA TYR B 316 3.83 7.11 24.91
C TYR B 316 4.96 7.40 25.89
N GLU B 317 5.07 8.66 26.32
CA GLU B 317 5.98 8.98 27.41
C GLU B 317 5.64 8.22 28.70
N ALA B 318 4.37 8.26 29.11
CA ALA B 318 3.95 7.54 30.31
C ALA B 318 4.20 6.03 30.22
N LEU B 319 3.86 5.46 29.07
CA LEU B 319 4.04 4.02 28.86
C LEU B 319 5.53 3.64 28.94
N THR B 320 6.40 4.51 28.44
CA THR B 320 7.84 4.28 28.54
C THR B 320 8.32 4.32 30.00
N HIS B 321 7.66 5.14 30.84
CA HIS B 321 7.96 5.16 32.27
C HIS B 321 7.57 3.84 32.93
N VAL B 322 6.45 3.26 32.49
CA VAL B 322 6.00 1.96 33.01
C VAL B 322 6.94 0.85 32.56
N SER B 323 7.38 0.89 31.30
CA SER B 323 8.36 -0.08 30.81
C SER B 323 9.24 0.57 29.76
N GLU B 324 10.53 0.69 30.07
CA GLU B 324 11.49 1.28 29.15
C GLU B 324 11.50 0.61 27.77
N ASP B 325 11.14 -0.67 27.72
CA ASP B 325 11.16 -1.40 26.46
C ASP B 325 10.07 -0.96 25.48
N CYS B 326 9.15 -0.12 25.95
CA CYS B 326 8.15 0.49 25.08
C CYS B 326 8.67 1.78 24.43
N PHE B 327 9.91 2.13 24.73
CA PHE B 327 10.52 3.33 24.15
C PHE B 327 10.35 3.47 22.62
N PRO B 328 10.45 2.36 21.87
CA PRO B 328 10.35 2.54 20.41
C PRO B 328 9.03 3.19 19.95
N LEU B 329 7.96 3.02 20.72
CA LEU B 329 6.72 3.70 20.36
C LEU B 329 6.90 5.21 20.50
N LEU B 330 7.54 5.64 21.58
CA LEU B 330 7.79 7.04 21.86
C LEU B 330 8.74 7.60 20.81
N ASP B 331 9.82 6.85 20.57
CA ASP B 331 10.82 7.21 19.58
C ASP B 331 10.19 7.45 18.21
N GLY B 332 9.36 6.50 17.77
CA GLY B 332 8.73 6.57 16.46
C GLY B 332 7.77 7.75 16.37
N CYS B 333 7.09 8.02 17.47
CA CYS B 333 6.17 9.15 17.51
C CYS B 333 6.92 10.47 17.37
N ARG B 334 8.01 10.63 18.10
CA ARG B 334 8.88 11.80 17.98
C ARG B 334 9.41 11.98 16.56
N LYS B 335 9.86 10.88 15.95
CA LYS B 335 10.35 10.95 14.58
C LYS B 335 9.28 11.42 13.61
N ASN B 336 8.06 10.93 13.78
CA ASN B 336 6.96 11.39 12.94
C ASN B 336 6.62 12.86 13.15
N ARG B 337 6.73 13.35 14.39
CA ARG B 337 6.53 14.75 14.64
C ARG B 337 7.51 15.60 13.82
N GLN B 338 8.79 15.23 13.83
CA GLN B 338 9.78 15.97 13.05
C GLN B 338 9.42 16.04 11.58
N LYS B 339 8.97 14.91 11.02
CA LYS B 339 8.60 14.86 9.60
C LYS B 339 7.39 15.75 9.27
N TRP B 340 6.34 15.67 10.08
CA TRP B 340 5.16 16.50 9.84
C TRP B 340 5.49 17.97 10.06
N GLN B 341 6.32 18.26 11.05
CA GLN B 341 6.73 19.65 11.30
C GLN B 341 7.44 20.22 10.07
N ALA B 342 8.34 19.43 9.50
CA ALA B 342 9.05 19.84 8.29
C ALA B 342 8.05 20.16 7.16
N LEU B 343 7.08 19.27 6.97
CA LEU B 343 6.04 19.50 5.96
C LEU B 343 5.23 20.76 6.26
N ALA B 344 4.86 20.96 7.52
CA ALA B 344 4.08 22.13 7.92
C ALA B 344 4.81 23.42 7.56
N GLU B 345 6.13 23.40 7.76
CA GLU B 345 6.96 24.57 7.50
C GLU B 345 7.11 24.81 6.00
N GLN B 346 6.92 23.77 5.20
CA GLN B 346 7.06 23.90 3.74
C GLN B 346 5.74 24.26 3.06
N GLN B 347 4.63 24.12 3.78
CA GLN B 347 3.33 24.43 3.20
C GLN B 347 3.19 25.92 2.91
#